data_7HK2
#
_entry.id   7HK2
#
_cell.length_a   27.177
_cell.length_b   47.340
_cell.length_c   46.691
_cell.angle_alpha   90.000
_cell.angle_beta   104.420
_cell.angle_gamma   90.000
#
_symmetry.space_group_name_H-M   'P 1 21 1'
#
loop_
_entity.id
_entity.type
_entity.pdbx_description
1 polymer 'De novo designed ABLE protein'
2 non-polymer 'DIPHENYLACETIC ACID'
3 water water
#
_entity_poly.entity_id   1
_entity_poly.type   'polypeptide(L)'
_entity_poly.pdbx_seq_one_letter_code
;SVKSEYAEAAAVGQEAVAVFNTMKAAFQNGDKEAVAQYLARLASLYTRHEELLNRILEKARREGNKEAVTLMNEFTATFQ
TGKSIFNAMVAAFKNGDDDSFESYLQALEKVTAKGETLADQIAKAL
;
_entity_poly.pdbx_strand_id   A
#
loop_
_chem_comp.id
_chem_comp.type
_chem_comp.name
_chem_comp.formula
DFA non-polymer 'DIPHENYLACETIC ACID' 'C14 H12 O2'
#
# COMPACT_ATOMS: atom_id res chain seq x y z
N SER A 1 -16.42 -10.06 -10.97
N SER A 1 -16.39 -10.01 -11.13
CA SER A 1 -15.93 -9.15 -12.03
CA SER A 1 -15.85 -9.16 -12.22
C SER A 1 -14.61 -8.51 -11.60
C SER A 1 -14.53 -8.53 -11.77
N VAL A 2 -13.92 -7.91 -12.57
N VAL A 2 -13.85 -7.88 -12.69
CA VAL A 2 -12.68 -7.22 -12.25
CA VAL A 2 -12.67 -7.14 -12.30
C VAL A 2 -12.98 -6.00 -11.38
C VAL A 2 -13.08 -6.04 -11.30
N LYS A 3 -14.19 -5.46 -11.46
N LYS A 3 -14.27 -5.48 -11.45
CA LYS A 3 -14.55 -4.31 -10.64
CA LYS A 3 -14.67 -4.37 -10.58
C LYS A 3 -14.75 -4.72 -9.18
C LYS A 3 -14.82 -4.84 -9.14
N SER A 4 -15.44 -5.84 -8.95
N SER A 4 -15.48 -5.99 -8.92
CA SER A 4 -15.59 -6.31 -7.59
CA SER A 4 -15.60 -6.48 -7.56
C SER A 4 -14.26 -6.75 -6.99
C SER A 4 -14.25 -6.93 -7.02
N GLU A 5 -13.39 -7.34 -7.82
N GLU A 5 -13.39 -7.47 -7.89
CA GLU A 5 -12.07 -7.76 -7.34
CA GLU A 5 -12.07 -7.87 -7.44
C GLU A 5 -11.22 -6.55 -6.95
C GLU A 5 -11.28 -6.65 -7.02
N TYR A 6 -11.50 -5.38 -7.54
N TYR A 6 -11.50 -5.49 -7.66
CA TYR A 6 -10.81 -4.17 -7.13
CA TYR A 6 -10.84 -4.27 -7.22
C TYR A 6 -11.37 -3.64 -5.81
C TYR A 6 -11.46 -3.70 -5.96
N ALA A 7 -12.69 -3.69 -5.63
N ALA A 7 -12.77 -3.84 -5.77
CA ALA A 7 -13.27 -3.30 -4.34
CA ALA A 7 -13.36 -3.48 -4.48
C ALA A 7 -12.77 -4.20 -3.22
C ALA A 7 -12.68 -4.26 -3.34
N GLU A 8 -12.49 -5.47 -3.52
N GLU A 8 -12.41 -5.54 -3.57
CA GLU A 8 -11.90 -6.37 -2.54
CA GLU A 8 -11.75 -6.37 -2.55
C GLU A 8 -10.43 -6.04 -2.29
C GLU A 8 -10.32 -5.85 -2.29
N ALA A 9 -9.72 -5.56 -3.33
N ALA A 9 -9.57 -5.64 -3.37
CA ALA A 9 -8.36 -5.11 -3.16
CA ALA A 9 -8.25 -5.03 -3.29
C ALA A 9 -8.31 -3.74 -2.47
C ALA A 9 -8.29 -3.73 -2.49
N ALA A 10 -9.28 -2.87 -2.77
CA ALA A 10 -9.37 -1.58 -2.10
C ALA A 10 -9.56 -1.76 -0.60
N ALA A 11 -10.38 -2.75 -0.21
CA ALA A 11 -10.63 -2.99 1.22
C ALA A 11 -9.35 -3.43 1.90
N VAL A 12 -8.56 -4.25 1.23
N VAL A 12 -8.58 -4.26 1.24
CA VAL A 12 -7.28 -4.67 1.81
CA VAL A 12 -7.31 -4.70 1.81
C VAL A 12 -6.34 -3.48 1.98
C VAL A 12 -6.37 -3.50 1.98
N GLY A 13 -6.33 -2.57 1.00
N GLY A 13 -6.34 -2.61 1.00
CA GLY A 13 -5.54 -1.37 1.15
CA GLY A 13 -5.59 -1.38 1.16
C GLY A 13 -6.01 -0.51 2.31
C GLY A 13 -6.07 -0.56 2.33
N GLN A 14 -7.33 -0.44 2.52
N GLN A 14 -7.39 -0.46 2.51
CA GLN A 14 -7.86 0.33 3.65
CA GLN A 14 -7.94 0.28 3.64
C GLN A 14 -7.60 -0.37 4.97
C GLN A 14 -7.56 -0.37 4.95
N GLU A 15 -7.47 -1.69 4.96
CA GLU A 15 -7.07 -2.38 6.18
C GLU A 15 -5.68 -1.94 6.60
N ALA A 16 -4.78 -1.89 5.62
CA ALA A 16 -3.39 -1.55 5.91
C ALA A 16 -3.27 -0.12 6.42
N VAL A 17 -4.12 0.77 5.88
CA VAL A 17 -4.18 2.14 6.39
C VAL A 17 -4.59 2.13 7.85
N ALA A 18 -5.59 1.33 8.21
N ALA A 18 -5.63 1.36 8.19
CA ALA A 18 -6.04 1.27 9.60
CA ALA A 18 -6.06 1.29 9.59
C ALA A 18 -4.96 0.72 10.51
C ALA A 18 -4.94 0.76 10.46
N VAL A 19 -4.22 -0.29 10.05
N VAL A 19 -4.31 -0.34 10.03
CA VAL A 19 -3.15 -0.83 10.88
CA VAL A 19 -3.25 -0.90 10.88
C VAL A 19 -1.95 0.12 10.90
C VAL A 19 -2.05 0.05 10.97
N PHE A 20 -1.71 0.84 9.81
N PHE A 20 -1.73 0.73 9.86
CA PHE A 20 -0.58 1.76 9.77
CA PHE A 20 -0.64 1.69 9.84
C PHE A 20 -0.74 2.86 10.81
C PHE A 20 -0.86 2.77 10.89
N ASN A 21 -1.92 3.49 10.86
N ASN A 21 -2.10 3.28 11.01
CA ASN A 21 -2.15 4.53 11.85
CA ASN A 21 -2.37 4.37 11.94
C ASN A 21 -1.97 3.99 13.26
C ASN A 21 -2.37 3.90 13.38
N THR A 22 -2.41 2.75 13.50
N THR A 22 -2.78 2.67 13.64
CA THR A 22 -2.19 2.13 14.80
CA THR A 22 -2.61 2.11 14.98
C THR A 22 -0.71 1.93 15.07
C THR A 22 -1.13 1.95 15.30
N MET A 23 0.05 1.55 14.03
N MET A 23 -0.38 1.45 14.34
CA MET A 23 1.50 1.42 14.18
CA MET A 23 1.08 1.31 14.50
C MET A 23 2.13 2.76 14.52
C MET A 23 1.74 2.64 14.82
N LYS A 24 1.62 3.84 13.93
N LYS A 24 1.36 3.70 14.10
CA LYS A 24 2.17 5.16 14.15
CA LYS A 24 1.98 5.01 14.31
C LYS A 24 1.97 5.61 15.60
C LYS A 24 1.72 5.50 15.73
N ALA A 25 0.80 5.31 16.17
N ALA A 25 0.48 5.32 16.21
CA ALA A 25 0.55 5.65 17.57
CA ALA A 25 0.18 5.65 17.60
C ALA A 25 1.46 4.84 18.49
C ALA A 25 1.07 4.85 18.55
N ALA A 26 1.58 3.54 18.25
N ALA A 26 1.22 3.55 18.29
CA ALA A 26 2.39 2.69 19.11
CA ALA A 26 2.04 2.72 19.16
C ALA A 26 3.85 3.11 19.05
C ALA A 26 3.48 3.20 19.19
N PHE A 27 4.33 3.52 17.87
N PHE A 27 4.04 3.56 18.01
CA PHE A 27 5.72 3.98 17.76
CA PHE A 27 5.41 4.11 17.92
C PHE A 27 5.94 5.25 18.57
C PHE A 27 5.54 5.39 18.76
N GLN A 28 5.02 6.21 18.43
N GLN A 28 4.57 6.30 18.63
CA GLN A 28 5.17 7.46 19.17
CA GLN A 28 4.66 7.56 19.37
C GLN A 28 5.17 7.23 20.68
C GLN A 28 4.63 7.31 20.87
N ASN A 29 4.45 6.21 21.15
N ASN A 29 3.86 6.32 21.31
CA ASN A 29 4.39 5.92 22.58
CA ASN A 29 3.79 5.93 22.71
C ASN A 29 5.59 5.13 23.07
C ASN A 29 4.96 5.05 23.13
N GLY A 30 6.26 4.39 22.20
N GLY A 30 5.89 4.75 22.21
CA GLY A 30 7.35 3.54 22.60
CA GLY A 30 7.07 3.99 22.55
C GLY A 30 7.01 2.08 22.84
C GLY A 30 6.85 2.52 22.78
N ASP A 31 5.84 1.63 22.39
N ASP A 31 5.73 1.96 22.31
CA ASP A 31 5.38 0.25 22.59
CA ASP A 31 5.40 0.57 22.57
C ASP A 31 5.94 -0.63 21.48
C ASP A 31 5.97 -0.25 21.44
N LYS A 32 7.25 -0.88 21.56
N LYS A 32 7.23 -0.66 21.59
CA LYS A 32 7.97 -1.53 20.47
CA LYS A 32 7.94 -1.27 20.48
C LYS A 32 7.50 -2.96 20.26
C LYS A 32 7.44 -2.67 20.20
N GLU A 33 6.97 -3.60 21.31
N GLU A 33 7.05 -3.41 21.24
CA GLU A 33 6.42 -4.94 21.14
CA GLU A 33 6.55 -4.77 21.02
C GLU A 33 5.14 -4.93 20.31
C GLU A 33 5.31 -4.77 20.12
N ALA A 34 4.40 -3.83 20.33
CA ALA A 34 3.24 -3.70 19.45
C ALA A 34 3.68 -3.37 18.02
N VAL A 35 4.63 -2.44 17.88
N VAL A 35 4.53 -2.34 17.88
CA VAL A 35 5.09 -2.05 16.54
CA VAL A 35 4.95 -1.89 16.55
C VAL A 35 5.62 -3.27 15.79
C VAL A 35 5.49 -3.06 15.75
N ALA A 36 6.29 -4.19 16.50
N ALA A 36 6.35 -3.87 16.36
CA ALA A 36 6.79 -5.39 15.84
CA ALA A 36 6.87 -5.06 15.68
C ALA A 36 5.66 -6.25 15.28
C ALA A 36 5.74 -5.92 15.12
N GLN A 37 4.54 -6.33 16.00
N GLN A 37 4.72 -6.23 15.94
CA GLN A 37 3.41 -7.10 15.49
CA GLN A 37 3.60 -7.04 15.45
C GLN A 37 2.63 -6.34 14.42
C GLN A 37 2.85 -6.31 14.33
N TYR A 38 2.58 -5.01 14.51
CA TYR A 38 1.88 -4.25 13.45
C TYR A 38 2.67 -4.26 12.15
N LEU A 39 4.00 -4.19 12.24
N LEU A 39 4.00 -4.12 12.23
CA LEU A 39 4.81 -4.30 11.02
CA LEU A 39 4.82 -4.12 11.01
C LEU A 39 4.61 -5.66 10.38
C LEU A 39 4.72 -5.46 10.28
N ALA A 40 4.59 -6.74 11.18
N ALA A 40 4.66 -6.56 11.04
CA ALA A 40 4.35 -8.06 10.63
CA ALA A 40 4.50 -7.87 10.42
C ALA A 40 2.97 -8.18 10.04
C ALA A 40 3.14 -7.99 9.74
N ARG A 41 1.98 -7.48 10.61
N ARG A 41 2.10 -7.47 10.40
CA ARG A 41 0.63 -7.50 10.08
CA ARG A 41 0.78 -7.54 9.82
C ARG A 41 0.55 -6.70 8.78
C ARG A 41 0.71 -6.67 8.56
N LEU A 42 1.30 -5.59 8.70
N LEU A 42 1.35 -5.51 8.61
CA LEU A 42 1.35 -4.78 7.49
CA LEU A 42 1.41 -4.64 7.44
C LEU A 42 2.07 -5.49 6.35
C LEU A 42 2.09 -5.34 6.27
N ALA A 43 3.09 -6.29 6.68
N ALA A 43 3.19 -6.04 6.51
CA ALA A 43 3.83 -6.98 5.61
CA ALA A 43 3.84 -6.68 5.38
C ALA A 43 2.94 -8.00 4.92
C ALA A 43 2.91 -7.70 4.74
N SER A 44 2.05 -8.64 5.67
N SER A 44 2.24 -8.51 5.56
CA SER A 44 1.14 -9.60 5.07
CA SER A 44 1.29 -9.47 5.02
C SER A 44 -0.03 -8.92 4.37
C SER A 44 0.23 -8.79 4.18
N LEU A 45 -0.29 -7.64 4.66
N LEU A 45 -0.32 -7.69 4.69
CA LEU A 45 -1.36 -6.92 3.98
CA LEU A 45 -1.35 -6.95 3.96
C LEU A 45 -0.88 -6.29 2.66
C LEU A 45 -0.83 -6.40 2.63
N TYR A 46 0.35 -5.76 2.64
CA TYR A 46 0.88 -5.21 1.42
C TYR A 46 1.18 -6.32 0.42
N THR A 47 1.61 -7.49 0.90
N THR A 47 1.70 -7.46 0.88
CA THR A 47 1.82 -8.63 0.01
CA THR A 47 1.95 -8.56 -0.04
C THR A 47 0.51 -9.11 -0.60
C THR A 47 0.66 -9.02 -0.71
N ARG A 48 -0.54 -9.21 0.23
N ARG A 48 -0.41 -9.15 0.09
CA ARG A 48 -1.86 -9.60 -0.28
CA ARG A 48 -1.73 -9.53 -0.43
C ARG A 48 -2.44 -8.55 -1.21
C ARG A 48 -2.23 -8.46 -1.42
N HIS A 49 -2.10 -7.27 -0.98
N HIS A 49 -2.14 -7.19 -1.03
CA HIS A 49 -2.58 -6.20 -1.86
CA HIS A 49 -2.65 -6.10 -1.86
C HIS A 49 -1.80 -6.17 -3.17
C HIS A 49 -2.00 -6.13 -3.24
N GLU A 50 -0.49 -6.43 -3.11
N GLU A 50 -0.67 -6.24 -3.27
CA GLU A 50 0.31 -6.47 -4.33
CA GLU A 50 0.07 -6.30 -4.54
C GLU A 50 -0.12 -7.61 -5.23
C GLU A 50 -0.41 -7.48 -5.35
N GLU A 51 -0.53 -8.73 -4.65
N GLU A 51 -0.59 -8.64 -4.71
CA GLU A 51 -0.96 -9.87 -5.46
CA GLU A 51 -1.00 -9.80 -5.51
C GLU A 51 -2.30 -9.59 -6.14
C GLU A 51 -2.38 -9.57 -6.11
N LEU A 52 -3.23 -8.95 -5.43
N LEU A 52 -3.29 -8.96 -5.35
CA LEU A 52 -4.53 -8.65 -6.03
CA LEU A 52 -4.61 -8.67 -5.92
C LEU A 52 -4.40 -7.61 -7.14
C LEU A 52 -4.51 -7.66 -7.06
N LEU A 53 -3.52 -6.63 -6.96
N LEU A 53 -3.66 -6.65 -6.91
CA LEU A 53 -3.36 -5.58 -7.96
CA LEU A 53 -3.50 -5.67 -7.98
C LEU A 53 -2.73 -6.12 -9.24
C LEU A 53 -2.92 -6.29 -9.23
N ASN A 54 -1.84 -7.11 -9.12
N ASN A 54 -1.93 -7.18 -9.09
CA ASN A 54 -1.25 -7.69 -10.31
CA ASN A 54 -1.31 -7.73 -10.29
C ASN A 54 -2.28 -8.49 -11.09
C ASN A 54 -2.32 -8.51 -11.09
N ARG A 55 -3.15 -9.22 -10.40
N ARG A 55 -3.12 -9.34 -10.40
CA ARG A 55 -4.22 -9.96 -11.07
CA ARG A 55 -4.12 -10.17 -11.07
C ARG A 55 -5.14 -9.01 -11.83
C ARG A 55 -5.20 -9.32 -11.75
N ILE A 56 -5.40 -7.84 -11.26
N ILE A 56 -5.57 -8.20 -11.12
CA ILE A 56 -6.27 -6.86 -11.91
CA ILE A 56 -6.54 -7.26 -11.69
C ILE A 56 -5.61 -6.31 -13.17
C ILE A 56 -5.95 -6.57 -12.94
N LEU A 57 -4.34 -5.90 -13.05
N LEU A 57 -4.67 -6.18 -12.88
CA LEU A 57 -3.63 -5.39 -14.20
CA LEU A 57 -4.02 -5.57 -14.04
C LEU A 57 -3.51 -6.45 -15.29
C LEU A 57 -3.95 -6.54 -15.19
N GLU A 58 -3.37 -7.72 -14.91
N GLU A 58 -3.45 -7.76 -14.95
CA GLU A 58 -3.30 -8.79 -15.90
CA GLU A 58 -3.38 -8.77 -15.99
C GLU A 58 -4.66 -9.03 -16.55
C GLU A 58 -4.76 -9.08 -16.57
N LYS A 59 -5.74 -8.94 -15.75
N LYS A 59 -5.82 -9.01 -15.74
CA LYS A 59 -7.07 -9.11 -16.32
CA LYS A 59 -7.17 -9.28 -16.24
C LYS A 59 -7.41 -7.97 -17.27
C LYS A 59 -7.73 -8.11 -17.05
N ALA A 60 -7.11 -6.73 -16.86
N ALA A 60 -7.44 -6.88 -16.65
CA ALA A 60 -7.38 -5.59 -17.75
CA ALA A 60 -7.81 -5.75 -17.49
C ALA A 60 -6.55 -5.67 -19.02
C ALA A 60 -7.05 -5.79 -18.81
N ARG A 61 -5.39 -6.34 -18.98
N ARG A 61 -5.78 -6.23 -18.77
CA ARG A 61 -4.62 -6.54 -20.19
CA ARG A 61 -5.01 -6.45 -19.99
C ARG A 61 -5.25 -7.58 -21.10
C ARG A 61 -5.73 -7.44 -20.90
N ARG A 62 -5.82 -8.63 -20.52
N ARG A 62 -6.02 -8.64 -20.40
CA ARG A 62 -6.52 -9.62 -21.32
CA ARG A 62 -6.62 -9.68 -21.24
C ARG A 62 -7.81 -9.04 -21.89
C ARG A 62 -7.99 -9.23 -21.79
N GLU A 63 -8.53 -8.25 -21.08
N GLU A 63 -8.64 -8.29 -21.10
CA GLU A 63 -9.76 -7.60 -21.51
CA GLU A 63 -9.95 -7.75 -21.44
C GLU A 63 -9.51 -6.47 -22.52
C GLU A 63 -9.88 -6.52 -22.35
N GLY A 64 -8.26 -6.17 -22.81
N GLY A 64 -8.69 -5.97 -22.57
CA GLY A 64 -7.94 -5.10 -23.75
CA GLY A 64 -8.52 -4.81 -23.43
C GLY A 64 -8.28 -3.70 -23.27
C GLY A 64 -9.04 -3.48 -22.89
N ASN A 65 -8.58 -3.52 -21.99
N ASN A 65 -9.12 -3.33 -21.56
CA ASN A 65 -8.98 -2.22 -21.47
CA ASN A 65 -9.56 -2.05 -20.98
C ASN A 65 -7.75 -1.32 -21.38
C ASN A 65 -8.32 -1.14 -20.90
N LYS A 66 -7.49 -0.54 -22.42
N LYS A 66 -7.95 -0.57 -22.05
CA LYS A 66 -6.26 0.24 -22.47
CA LYS A 66 -6.70 0.18 -22.17
C LYS A 66 -6.21 1.30 -21.38
C LYS A 66 -6.60 1.29 -21.13
N GLU A 67 -7.33 1.96 -21.10
N GLU A 67 -7.70 2.03 -20.90
CA GLU A 67 -7.29 3.02 -20.10
CA GLU A 67 -7.60 3.10 -19.91
C GLU A 67 -7.03 2.46 -18.72
C GLU A 67 -7.33 2.52 -18.52
N ALA A 68 -7.72 1.38 -18.35
N ALA A 68 -7.96 1.39 -18.19
CA ALA A 68 -7.48 0.78 -17.04
CA ALA A 68 -7.67 0.80 -16.89
C ALA A 68 -6.07 0.22 -16.94
C ALA A 68 -6.23 0.32 -16.83
N VAL A 69 -5.53 -0.31 -18.04
N VAL A 69 -5.73 -0.28 -17.90
CA VAL A 69 -4.14 -0.77 -18.03
CA VAL A 69 -4.35 -0.78 -17.90
C VAL A 69 -3.19 0.41 -17.82
C VAL A 69 -3.38 0.37 -17.66
N THR A 70 -3.53 1.57 -18.38
N THR A 70 -3.56 1.48 -18.36
CA THR A 70 -2.67 2.75 -18.22
CA THR A 70 -2.66 2.64 -18.17
C THR A 70 -2.67 3.25 -16.77
C THR A 70 -2.65 3.05 -16.69
N LEU A 71 -3.84 3.27 -16.11
CA LEU A 71 -3.92 3.73 -14.73
C LEU A 71 -3.31 2.72 -13.78
N MET A 72 -3.51 1.43 -14.06
N MET A 72 -3.51 1.43 -14.04
CA MET A 72 -2.96 0.39 -13.20
CA MET A 72 -2.94 0.41 -13.16
C MET A 72 -1.44 0.30 -13.32
C MET A 72 -1.44 0.28 -13.32
N ASN A 73 -0.91 0.47 -14.53
CA ASN A 73 0.56 0.53 -14.67
C ASN A 73 1.15 1.68 -13.84
N GLU A 74 0.44 2.81 -13.77
N GLU A 74 0.49 2.85 -13.85
CA GLU A 74 0.90 3.94 -12.97
CA GLU A 74 1.01 3.98 -13.06
C GLU A 74 0.66 3.71 -11.48
C GLU A 74 0.89 3.67 -11.58
N PHE A 75 -0.42 3.00 -11.13
N PHE A 75 -0.25 3.10 -11.17
CA PHE A 75 -0.74 2.82 -9.73
CA PHE A 75 -0.45 2.77 -9.76
C PHE A 75 0.12 1.74 -9.08
C PHE A 75 0.55 1.72 -9.28
N THR A 76 0.46 0.69 -9.83
N THR A 76 0.80 0.67 -10.07
CA THR A 76 1.35 -0.32 -9.28
CA THR A 76 1.71 -0.36 -9.58
C THR A 76 2.77 0.22 -9.13
C THR A 76 3.15 0.15 -9.55
N ALA A 77 3.20 1.08 -10.06
N ALA A 77 3.49 1.14 -10.37
CA ALA A 77 4.52 1.70 -9.93
CA ALA A 77 4.78 1.78 -10.17
C ALA A 77 4.59 2.58 -8.68
C ALA A 77 4.83 2.50 -8.84
N THR A 78 3.49 3.24 -8.34
N THR A 78 3.77 3.26 -8.51
CA THR A 78 3.45 4.00 -7.08
CA THR A 78 3.79 3.97 -7.24
C THR A 78 3.38 3.07 -5.88
C THR A 78 3.75 2.99 -6.08
N PHE A 79 2.66 1.96 -6.00
N PHE A 79 3.16 1.81 -6.28
CA PHE A 79 2.60 0.98 -4.93
CA PHE A 79 3.15 0.78 -5.24
C PHE A 79 4.00 0.48 -4.58
C PHE A 79 4.58 0.40 -4.86
N GLN A 80 4.84 0.24 -5.59
N GLN A 80 5.46 0.28 -5.85
CA GLN A 80 6.20 -0.22 -5.35
CA GLN A 80 6.84 -0.09 -5.57
C GLN A 80 7.02 0.82 -4.62
C GLN A 80 7.54 0.97 -4.76
N THR A 81 6.73 2.11 -4.81
N THR A 81 7.29 2.24 -5.05
CA THR A 81 7.48 3.14 -4.11
CA THR A 81 7.82 3.29 -4.17
C THR A 81 7.15 3.11 -2.62
C THR A 81 7.40 3.01 -2.73
N GLY A 82 5.89 2.94 -2.28
N GLY A 82 6.11 2.80 -2.54
CA GLY A 82 5.50 2.82 -0.89
CA GLY A 82 5.61 2.51 -1.19
C GLY A 82 5.88 1.48 -0.29
C GLY A 82 6.35 1.34 -0.57
N LYS A 83 6.11 0.47 -1.13
N LYS A 83 6.46 0.25 -1.32
CA LYS A 83 6.59 -0.81 -0.61
CA LYS A 83 7.15 -0.95 -0.87
C LYS A 83 8.06 -0.74 -0.28
C LYS A 83 8.60 -0.67 -0.50
N SER A 84 8.85 -0.03 -1.09
N SER A 84 9.31 0.15 -1.30
CA SER A 84 10.25 0.17 -0.75
CA SER A 84 10.70 0.44 -0.96
C SER A 84 10.39 0.97 0.54
C SER A 84 10.79 1.29 0.30
N ILE A 85 9.56 2.01 0.68
N ILE A 85 9.89 2.26 0.44
CA ILE A 85 9.64 2.85 1.88
CA ILE A 85 9.94 3.06 1.67
C ILE A 85 9.27 2.04 3.11
C ILE A 85 9.53 2.21 2.86
N PHE A 86 8.30 1.13 2.98
N PHE A 86 8.51 1.36 2.70
CA PHE A 86 7.90 0.28 4.08
CA PHE A 86 8.09 0.47 3.76
C PHE A 86 9.02 -0.68 4.47
C PHE A 86 9.24 -0.42 4.21
N ASN A 87 9.78 -1.16 3.49
N ASN A 87 9.91 -1.07 3.27
CA ASN A 87 10.87 -2.09 3.78
CA ASN A 87 10.97 -1.99 3.64
C ASN A 87 12.04 -1.37 4.44
C ASN A 87 12.10 -1.28 4.38
N ALA A 88 12.38 -0.16 3.98
N ALA A 88 12.43 -0.06 3.95
CA ALA A 88 13.41 0.62 4.64
CA ALA A 88 13.44 0.71 4.67
C ALA A 88 12.96 1.06 6.03
C ALA A 88 12.95 1.06 6.06
N MET A 89 11.66 1.31 6.19
CA MET A 89 11.12 1.60 7.52
C MET A 89 11.31 0.40 8.46
N VAL A 90 10.92 -0.78 7.98
CA VAL A 90 11.12 -2.01 8.73
C VAL A 90 12.60 -2.18 9.11
N ALA A 91 13.50 -1.94 8.17
CA ALA A 91 14.92 -2.13 8.46
C ALA A 91 15.40 -1.13 9.53
N ALA A 92 14.88 0.10 9.50
CA ALA A 92 15.25 1.06 10.54
C ALA A 92 14.74 0.61 11.91
N PHE A 93 13.53 0.04 11.98
CA PHE A 93 13.04 -0.47 13.25
C PHE A 93 13.97 -1.55 13.79
N LYS A 94 14.40 -2.48 12.91
N LYS A 94 14.37 -2.49 12.92
CA LYS A 94 15.33 -3.52 13.34
CA LYS A 94 15.25 -3.58 13.35
C LYS A 94 16.66 -2.93 13.79
C LYS A 94 16.58 -3.03 13.85
N ASN A 95 17.10 -1.86 13.15
N ASN A 95 17.10 -2.02 13.17
CA ASN A 95 18.38 -1.22 13.48
CA ASN A 95 18.36 -1.33 13.50
C ASN A 95 18.29 -0.24 14.65
C ASN A 95 18.28 -0.45 14.74
N GLY A 96 17.08 0.02 15.16
N GLY A 96 17.09 -0.19 15.26
CA GLY A 96 16.94 0.97 16.24
CA GLY A 96 16.92 0.73 16.37
C GLY A 96 17.16 2.41 15.83
C GLY A 96 17.14 2.19 16.00
N ASP A 97 17.00 2.71 14.55
N ASP A 97 16.88 2.55 14.75
CA ASP A 97 17.18 4.08 14.03
CA ASP A 97 17.18 3.88 14.23
C ASP A 97 15.83 4.77 14.02
C ASP A 97 15.88 4.65 14.15
N ASP A 98 15.48 5.41 15.15
N ASP A 98 15.59 5.40 15.22
CA ASP A 98 14.19 6.08 15.23
CA ASP A 98 14.27 6.05 15.33
C ASP A 98 14.11 7.29 14.31
C ASP A 98 14.14 7.24 14.41
N ASP A 99 15.24 7.96 14.07
N ASP A 99 15.22 7.96 14.14
CA ASP A 99 15.24 9.11 13.18
CA ASP A 99 15.16 9.08 13.21
C ASP A 99 14.85 8.72 11.76
C ASP A 99 14.80 8.63 11.81
N SER A 100 15.39 7.60 11.26
N SER A 100 15.45 7.55 11.31
CA SER A 100 15.00 7.16 9.92
CA SER A 100 15.09 7.05 9.98
C SER A 100 13.59 6.59 9.92
C SER A 100 13.67 6.53 9.98
N PHE A 101 13.16 5.96 11.02
N PHE A 101 13.32 5.75 11.00
CA PHE A 101 11.82 5.42 11.09
CA PHE A 101 11.97 5.18 11.07
C PHE A 101 10.77 6.52 10.97
C PHE A 101 10.91 6.27 10.98
N GLU A 102 11.03 7.67 11.60
N GLU A 102 11.07 7.33 11.76
CA GLU A 102 10.11 8.81 11.47
CA GLU A 102 10.22 8.51 11.66
C GLU A 102 10.12 9.35 10.06
C GLU A 102 10.15 9.01 10.24
N SER A 103 11.31 9.45 9.44
N SER A 103 11.32 9.24 9.62
CA SER A 103 11.40 9.96 8.08
CA SER A 103 11.37 9.83 8.29
C SER A 103 10.66 9.05 7.11
C SER A 103 10.68 8.92 7.30
N TYR A 104 10.89 7.73 7.20
N TYR A 104 11.02 7.62 7.30
CA TYR A 104 10.20 6.81 6.31
CA TYR A 104 10.37 6.73 6.36
C TYR A 104 8.70 6.77 6.59
C TYR A 104 8.89 6.62 6.64
N LEU A 105 8.29 7.04 7.84
N LEU A 105 8.49 6.72 7.92
CA LEU A 105 6.86 6.96 8.16
CA LEU A 105 7.05 6.64 8.24
C LEU A 105 6.11 8.12 7.52
C LEU A 105 6.31 7.85 7.71
N GLN A 106 6.64 9.34 7.61
N GLN A 106 6.86 9.05 7.93
CA GLN A 106 5.99 10.48 6.96
CA GLN A 106 6.29 10.27 7.37
C GLN A 106 6.03 10.34 5.44
C GLN A 106 6.19 10.21 5.86
N ALA A 107 7.11 9.78 4.90
N ALA A 107 7.26 9.74 5.20
CA ALA A 107 7.20 9.60 3.45
CA ALA A 107 7.29 9.73 3.74
C ALA A 107 6.14 8.63 2.94
C ALA A 107 6.33 8.70 3.19
N LEU A 108 5.88 7.56 3.71
N LEU A 108 6.19 7.56 3.87
CA LEU A 108 4.87 6.60 3.28
CA LEU A 108 5.28 6.52 3.38
C LEU A 108 3.46 7.20 3.34
C LEU A 108 3.83 6.97 3.45
N GLU A 109 3.23 8.19 4.21
N GLU A 109 3.47 7.69 4.52
CA GLU A 109 1.94 8.85 4.26
CA GLU A 109 2.15 8.31 4.64
C GLU A 109 1.74 9.76 3.05
C GLU A 109 1.81 9.12 3.40
N LYS A 110 2.78 10.51 2.67
N LYS A 110 2.77 9.93 2.92
CA LYS A 110 2.65 11.42 1.53
CA LYS A 110 2.49 10.83 1.82
C LYS A 110 2.58 10.67 0.22
C LYS A 110 2.39 10.08 0.50
N VAL A 111 3.27 9.52 0.11
N VAL A 111 3.29 9.11 0.27
CA VAL A 111 3.13 8.68 -1.07
CA VAL A 111 3.14 8.22 -0.90
C VAL A 111 1.72 8.08 -1.12
C VAL A 111 1.74 7.62 -0.90
N THR A 112 1.20 7.64 0.03
N THR A 112 1.34 7.00 0.21
CA THR A 112 -0.14 7.06 0.05
CA THR A 112 0.01 6.36 0.29
C THR A 112 -1.20 8.12 -0.25
C THR A 112 -1.09 7.38 0.05
N ALA A 113 -1.07 9.32 0.33
N ALA A 113 -1.05 8.50 0.78
CA ALA A 113 -2.06 10.37 0.10
CA ALA A 113 -2.08 9.52 0.63
C ALA A 113 -2.04 10.82 -1.36
C ALA A 113 -2.19 9.98 -0.81
N LYS A 114 -0.85 10.88 -1.97
N LYS A 114 -1.06 10.33 -1.43
CA LYS A 114 -0.77 11.32 -3.36
CA LYS A 114 -1.07 10.74 -2.83
C LYS A 114 -1.47 10.35 -4.30
C LYS A 114 -1.62 9.63 -3.72
N GLY A 115 -1.40 9.05 -3.99
N GLY A 115 -1.23 8.38 -3.44
CA GLY A 115 -1.92 8.04 -4.90
CA GLY A 115 -1.73 7.27 -4.24
C GLY A 115 -3.39 7.71 -4.73
C GLY A 115 -3.22 7.08 -4.17
N GLU A 116 -4.17 8.63 -4.17
N GLU A 116 -3.90 7.73 -3.21
CA GLU A 116 -5.57 8.34 -3.88
CA GLU A 116 -5.32 7.50 -3.04
C GLU A 116 -6.54 8.86 -4.93
C GLU A 116 -6.12 8.06 -4.21
N THR A 117 -6.23 9.96 -5.61
N THR A 117 -5.67 9.15 -4.82
CA THR A 117 -7.05 10.36 -6.74
CA THR A 117 -6.44 9.73 -5.91
C THR A 117 -6.99 9.31 -7.84
C THR A 117 -6.41 8.85 -7.15
N LEU A 118 -5.80 8.75 -8.06
N LEU A 118 -5.25 8.25 -7.45
CA LEU A 118 -5.65 7.67 -9.04
CA LEU A 118 -5.18 7.29 -8.54
C LEU A 118 -6.41 6.42 -8.61
C LEU A 118 -6.02 6.05 -8.22
N ALA A 119 -6.43 6.14 -7.31
N ALA A 119 -5.95 5.56 -6.99
CA ALA A 119 -7.14 4.95 -6.82
CA ALA A 119 -6.82 4.48 -6.55
C ALA A 119 -8.62 5.02 -7.15
C ALA A 119 -8.28 4.76 -6.91
N ASP A 120 -9.24 6.20 -6.96
N ASP A 120 -8.74 5.99 -6.65
CA ASP A 120 -10.64 6.36 -7.34
CA ASP A 120 -10.14 6.30 -6.88
C ASP A 120 -10.81 6.33 -8.85
C ASP A 120 -10.50 6.33 -8.36
N GLN A 121 -9.80 6.77 -9.60
N GLN A 121 -9.56 6.77 -9.21
CA GLN A 121 -9.89 6.75 -11.06
CA GLN A 121 -9.80 6.76 -10.66
C GLN A 121 -9.94 5.32 -11.59
C GLN A 121 -9.80 5.36 -11.22
N ILE A 122 -9.23 4.40 -10.94
N ILE A 122 -9.01 4.46 -10.65
CA ILE A 122 -9.20 3.02 -11.42
CA ILE A 122 -9.04 3.07 -11.10
C ILE A 122 -10.54 2.35 -11.20
C ILE A 122 -10.41 2.48 -10.83
N ALA A 123 -11.18 2.61 -10.06
N ALA A 123 -10.99 2.78 -9.67
CA ALA A 123 -12.46 2.00 -9.77
CA ALA A 123 -12.33 2.35 -9.37
C ALA A 123 -13.48 2.33 -10.87
C ALA A 123 -13.28 2.75 -10.48
N LYS A 124 -13.46 3.56 -11.38
N LYS A 124 -13.35 4.05 -10.78
CA LYS A 124 -14.39 3.96 -12.42
CA LYS A 124 -14.31 4.49 -11.79
C LYS A 124 -14.01 3.43 -13.80
C LYS A 124 -14.01 3.85 -13.13
N ALA A 125 -12.74 3.07 -14.00
N ALA A 125 -12.75 3.50 -13.42
CA ALA A 125 -12.26 2.70 -15.33
CA ALA A 125 -12.40 3.12 -14.78
C ALA A 125 -12.41 1.21 -15.64
C ALA A 125 -12.78 1.67 -15.10
N LEU A 126 -12.41 0.36 -14.62
N LEU A 126 -12.67 0.77 -14.14
CA LEU A 126 -12.40 -1.09 -14.86
CA LEU A 126 -12.81 -0.66 -14.40
C LEU A 126 -13.66 -1.62 -15.53
C LEU A 126 -14.24 -1.00 -14.79
C8 DFA B . -0.96 0.16 -0.31
O11 DFA B . -2.09 0.56 0.08
C5 DFA B . 0.61 4.23 -2.78
C4 DFA B . 0.60 3.40 -1.64
C3 DFA B . 0.23 2.04 -1.74
C2 DFA B . -0.11 1.50 -2.99
C1 DFA B . -0.08 2.33 -4.15
C6 DFA B . 0.27 3.69 -4.03
C10 DFA B . 1.57 0.56 -0.08
C16 DFA B . 2.16 0.92 1.15
C15 DFA B . 3.38 0.35 1.54
C14 DFA B . 4.05 -0.57 0.72
C13 DFA B . 3.49 -0.92 -0.52
C12 DFA B . 2.29 -0.34 -0.90
C11 DFA B . 0.22 1.17 -0.47
O1' DFA B . -0.75 -1.06 -0.54
H5 DFA B . 0.89 5.27 -2.69
H4 DFA B . 0.86 3.82 -0.68
H2 DFA B . -0.39 0.47 -3.11
H1 DFA B . -0.34 1.92 -5.11
H6 DFA B . 0.29 4.31 -4.91
H16 DFA B . 1.65 1.61 1.82
H15 DFA B . 3.81 0.63 2.49
H14 DFA B . 5.00 -0.98 1.03
H13 DFA B . 4.00 -1.62 -1.17
H12 DFA B . 1.85 -0.65 -1.85
H11 DFA B . 0.03 1.89 0.32
#